data_4IPS
#
_entry.id   4IPS
#
_cell.length_a   77.300
_cell.length_b   77.300
_cell.length_c   261.890
_cell.angle_alpha   90.00
_cell.angle_beta   90.00
_cell.angle_gamma   120.00
#
_symmetry.space_group_name_H-M   'P 65 2 2'
#
loop_
_entity.id
_entity.type
_entity.pdbx_description
1 polymer 'Cytochrome P450 121'
2 non-polymer 'PROTOPORPHYRIN IX CONTAINING FE'
3 non-polymer 'SULFATE ION'
4 non-polymer (3S,6S)-3,6-bis(4-hydroxybenzyl)piperazin-2-one
5 non-polymer GLYCEROL
6 water water
#
_entity_poly.entity_id   1
_entity_poly.type   'polypeptide(L)'
_entity_poly.pdbx_seq_one_letter_code
;TATVLLEVPFSARGDRIPDAVAELRTREPIRKVRTITGAEAWLVSSYALCTQVLEDRRFSMKETAAAGAPRLNALTVPPE
VVNNMGNIADAGLRKAVMKAITPKAPGLEQFLRDTANSLLDNLITEGAPADLRNDFADPLATALHCKVLGIPQEDGPKLF
RSLSIAFMSSADPIPAAKINWDRDIEYMAGILENPNITTGLMGELSRLRKDPAYSHVSDELFATIGVTFFGAGVISTGSF
LTTALISLIQRPQLRNLLHEKPELIPAGVEELLRINLSFADGLPRLATADIQVGDVLVRKGELVLVLLEGANFDPEHFPN
PGSIELDRPNPTSHLAFGRGQHFCPGSALGRRHAQIGIEALLKKMPGVDLAVPIDQLVWRTRFQRRIPERLPVLW
;
_entity_poly.pdbx_strand_id   A
#
loop_
_chem_comp.id
_chem_comp.type
_chem_comp.name
_chem_comp.formula
1G4 non-polymer (3S,6S)-3,6-bis(4-hydroxybenzyl)piperazin-2-one 'C18 H20 N2 O3'
GOL non-polymer GLYCEROL 'C3 H8 O3'
HEM non-polymer 'PROTOPORPHYRIN IX CONTAINING FE' 'C34 H32 Fe N4 O4'
SO4 non-polymer 'SULFATE ION' 'O4 S -2'
#
# COMPACT_ATOMS: atom_id res chain seq x y z
N ALA A 2 -14.95 34.99 -0.05
CA ALA A 2 -13.60 34.43 -0.15
C ALA A 2 -13.54 33.00 0.36
N THR A 3 -12.74 32.18 -0.32
CA THR A 3 -12.50 30.79 0.06
C THR A 3 -10.99 30.53 0.21
N VAL A 4 -10.61 29.56 1.03
CA VAL A 4 -9.21 29.15 1.16
C VAL A 4 -8.83 28.24 -0.02
N LEU A 5 -7.54 28.11 -0.26
CA LEU A 5 -7.02 27.20 -1.28
C LEU A 5 -7.50 25.77 -1.02
N LEU A 6 -7.91 25.07 -2.09
CA LEU A 6 -8.35 23.70 -2.01
C LEU A 6 -7.37 22.84 -1.19
N GLU A 7 -7.93 22.12 -0.23
CA GLU A 7 -7.18 21.26 0.66
C GLU A 7 -7.23 19.80 0.26
N VAL A 8 -6.13 19.10 0.52
CA VAL A 8 -6.06 17.66 0.31
C VAL A 8 -5.78 17.01 1.65
N PRO A 9 -6.24 15.75 1.84
CA PRO A 9 -7.01 14.93 0.89
C PRO A 9 -8.48 15.34 0.86
N PHE A 10 -9.20 14.92 -0.17
CA PHE A 10 -10.61 15.25 -0.32
C PHE A 10 -11.53 14.50 0.62
N SER A 11 -11.32 13.19 0.75
CA SER A 11 -12.18 12.35 1.60
C SER A 11 -11.43 11.09 1.98
N ALA A 12 -11.64 10.67 3.20
CA ALA A 12 -11.08 9.41 3.71
C ALA A 12 -11.89 8.19 3.25
N ARG A 13 -13.06 8.40 2.63
CA ARG A 13 -13.85 7.24 2.19
C ARG A 13 -13.20 6.49 1.07
N GLY A 14 -13.11 5.18 1.21
CA GLY A 14 -12.52 4.34 0.18
C GLY A 14 -13.52 3.57 -0.66
N ASP A 15 -14.81 3.92 -0.56
CA ASP A 15 -15.87 3.23 -1.29
C ASP A 15 -16.43 4.04 -2.44
N ARG A 16 -15.97 5.25 -2.63
CA ARG A 16 -16.45 6.12 -3.72
C ARG A 16 -15.37 7.11 -4.04
N ILE A 17 -15.26 7.49 -5.32
CA ILE A 17 -14.30 8.50 -5.70
C ILE A 17 -15.05 9.84 -5.69
N PRO A 18 -14.49 10.91 -5.11
CA PRO A 18 -15.18 12.21 -5.12
C PRO A 18 -15.32 12.75 -6.54
N ASP A 19 -16.43 13.45 -6.83
CA ASP A 19 -16.65 14.08 -8.13
C ASP A 19 -15.57 15.12 -8.41
N ALA A 20 -14.97 15.72 -7.36
CA ALA A 20 -13.91 16.71 -7.54
C ALA A 20 -12.74 16.14 -8.33
N VAL A 21 -12.46 14.81 -8.23
CA VAL A 21 -11.31 14.28 -8.95
C VAL A 21 -11.48 14.47 -10.47
N ALA A 22 -12.64 14.08 -10.99
CA ALA A 22 -12.86 14.21 -12.44
C ALA A 22 -12.93 15.69 -12.87
N GLU A 23 -13.42 16.57 -11.99
CA GLU A 23 -13.50 18.01 -12.27
C GLU A 23 -12.09 18.58 -12.41
N LEU A 24 -11.19 18.26 -11.44
CA LEU A 24 -9.81 18.72 -11.54
C LEU A 24 -9.15 18.13 -12.75
N ARG A 25 -9.36 16.82 -12.99
CA ARG A 25 -8.66 16.20 -14.08
C ARG A 25 -9.01 16.88 -15.40
N THR A 26 -10.30 17.20 -15.57
CA THR A 26 -10.77 17.82 -16.80
C THR A 26 -10.30 19.27 -16.93
N ARG A 27 -10.42 20.04 -15.86
CA ARG A 27 -10.17 21.47 -15.90
C ARG A 27 -8.75 21.91 -15.61
N GLU A 28 -8.08 21.19 -14.68
CA GLU A 28 -6.77 21.63 -14.19
C GLU A 28 -6.01 20.44 -13.66
N PRO A 29 -5.52 19.59 -14.58
CA PRO A 29 -4.91 18.30 -14.17
C PRO A 29 -3.62 18.43 -13.38
N ILE A 30 -3.08 19.65 -13.30
CA ILE A 30 -2.07 19.99 -12.31
C ILE A 30 -2.51 21.30 -11.69
N ARG A 31 -2.71 21.31 -10.41
CA ARG A 31 -3.20 22.54 -9.78
C ARG A 31 -2.72 22.62 -8.32
N LYS A 32 -2.71 23.82 -7.78
CA LYS A 32 -2.19 24.02 -6.45
C LYS A 32 -3.19 23.64 -5.39
N VAL A 33 -2.70 23.03 -4.32
CA VAL A 33 -3.52 22.62 -3.17
C VAL A 33 -2.74 22.91 -1.91
N ARG A 34 -3.42 22.81 -0.78
CA ARG A 34 -2.78 22.93 0.53
C ARG A 34 -2.85 21.59 1.24
N THR A 35 -1.73 21.13 1.77
CA THR A 35 -1.69 19.87 2.52
C THR A 35 -2.01 20.09 3.98
N ILE A 36 -2.11 19.01 4.72
CA ILE A 36 -2.46 19.08 6.14
C ILE A 36 -1.41 19.82 6.95
N THR A 37 -0.18 19.94 6.45
CA THR A 37 0.84 20.66 7.21
C THR A 37 0.74 22.17 6.99
N GLY A 38 -0.10 22.61 6.05
CA GLY A 38 -0.16 24.02 5.68
C GLY A 38 0.67 24.35 4.46
N ALA A 39 1.51 23.42 3.99
CA ALA A 39 2.30 23.66 2.80
C ALA A 39 1.45 23.65 1.53
N GLU A 40 1.89 24.36 0.51
CA GLU A 40 1.20 24.21 -0.75
CA GLU A 40 1.35 24.31 -0.84
C GLU A 40 1.96 23.16 -1.59
N ALA A 41 1.24 22.58 -2.53
CA ALA A 41 1.75 21.51 -3.38
C ALA A 41 1.02 21.53 -4.69
N TRP A 42 1.58 20.84 -5.68
CA TRP A 42 0.91 20.65 -6.96
C TRP A 42 0.26 19.29 -6.98
N LEU A 43 -1.05 19.23 -7.14
CA LEU A 43 -1.78 17.97 -7.24
C LEU A 43 -1.95 17.62 -8.70
N VAL A 44 -1.47 16.44 -9.08
CA VAL A 44 -1.47 15.94 -10.45
C VAL A 44 -2.49 14.83 -10.56
N SER A 45 -3.45 14.96 -11.49
CA SER A 45 -4.60 14.07 -11.51
C SER A 45 -4.93 13.40 -12.83
N SER A 46 -4.15 13.61 -13.88
CA SER A 46 -4.38 12.90 -15.13
C SER A 46 -3.38 11.78 -15.28
N TYR A 47 -3.75 10.75 -16.05
CA TYR A 47 -2.83 9.65 -16.28
C TYR A 47 -1.53 10.16 -16.91
N ALA A 48 -1.66 10.99 -17.95
CA ALA A 48 -0.47 11.46 -18.68
C ALA A 48 0.48 12.21 -17.77
N LEU A 49 -0.05 13.13 -16.94
CA LEU A 49 0.85 13.90 -16.09
C LEU A 49 1.37 13.11 -14.89
N CYS A 50 0.55 12.21 -14.34
CA CYS A 50 1.00 11.34 -13.25
C CYS A 50 2.19 10.51 -13.70
N THR A 51 2.06 9.88 -14.85
CA THR A 51 3.18 9.08 -15.36
C THR A 51 4.39 9.92 -15.66
N GLN A 52 4.20 11.11 -16.21
CA GLN A 52 5.34 11.99 -16.46
C GLN A 52 6.13 12.25 -15.17
N VAL A 53 5.43 12.57 -14.10
CA VAL A 53 6.11 12.85 -12.84
C VAL A 53 6.82 11.63 -12.30
N LEU A 54 6.12 10.48 -12.28
CA LEU A 54 6.71 9.28 -11.73
C LEU A 54 7.88 8.74 -12.53
N GLU A 55 7.95 9.07 -13.82
CA GLU A 55 9.01 8.63 -14.70
C GLU A 55 10.20 9.57 -14.75
N ASP A 56 10.15 10.72 -14.05
CA ASP A 56 11.22 11.70 -14.08
C ASP A 56 11.84 11.76 -12.70
N ARG A 57 13.04 11.22 -12.54
CA ARG A 57 13.71 11.18 -11.25
C ARG A 57 14.08 12.55 -10.70
N ARG A 58 13.99 13.60 -11.52
CA ARG A 58 14.20 14.95 -11.01
C ARG A 58 13.08 15.32 -10.05
N PHE A 59 11.94 14.60 -10.09
CA PHE A 59 10.91 14.68 -9.06
C PHE A 59 11.33 13.58 -8.10
N SER A 60 11.97 13.97 -6.99
CA SER A 60 12.66 13.08 -6.11
C SER A 60 11.89 12.65 -4.89
N MET A 61 11.89 11.34 -4.56
CA MET A 61 11.31 10.91 -3.29
CA MET A 61 11.32 10.87 -3.33
C MET A 61 12.28 11.25 -2.17
N LYS A 62 13.57 10.91 -2.31
CA LYS A 62 14.55 11.16 -1.27
C LYS A 62 14.49 12.60 -0.74
N GLU A 63 14.40 13.56 -1.66
CA GLU A 63 14.44 14.97 -1.30
C GLU A 63 13.19 15.46 -0.58
N THR A 64 12.12 14.68 -0.58
CA THR A 64 10.96 15.09 0.22
C THR A 64 11.32 15.16 1.71
N ALA A 65 12.38 14.45 2.14
CA ALA A 65 12.80 14.43 3.54
C ALA A 65 13.72 15.59 3.90
N ALA A 66 14.08 16.43 2.94
CA ALA A 66 14.98 17.55 3.20
C ALA A 66 14.41 18.51 4.22
N ALA A 67 15.24 19.00 5.15
CA ALA A 67 14.78 19.96 6.14
C ALA A 67 14.27 21.21 5.44
N GLY A 68 13.15 21.75 5.89
CA GLY A 68 12.62 22.98 5.31
C GLY A 68 11.79 22.81 4.05
N ALA A 69 11.67 21.58 3.55
CA ALA A 69 10.86 21.37 2.36
C ALA A 69 9.38 21.52 2.68
N PRO A 70 8.55 21.90 1.70
CA PRO A 70 7.10 21.78 1.89
C PRO A 70 6.78 20.28 2.06
N ARG A 71 5.93 19.97 3.05
CA ARG A 71 5.62 18.59 3.40
C ARG A 71 4.18 18.22 3.18
N LEU A 72 3.97 17.00 2.70
CA LEU A 72 2.65 16.40 2.63
C LEU A 72 2.19 16.09 4.05
N ASN A 73 3.07 15.53 4.86
CA ASN A 73 2.78 15.06 6.22
C ASN A 73 4.09 14.95 6.96
N ALA A 74 4.04 14.72 8.26
CA ALA A 74 5.25 14.61 9.05
C ALA A 74 5.92 13.26 8.83
N LEU A 75 7.25 13.24 8.92
CA LEU A 75 7.96 11.95 8.87
C LEU A 75 7.58 11.09 10.04
N THR A 76 7.39 9.80 9.78
CA THR A 76 7.19 8.82 10.86
C THR A 76 8.39 7.90 10.98
N VAL A 77 9.41 8.12 10.14
CA VAL A 77 10.65 7.36 10.13
C VAL A 77 11.79 8.36 10.14
N PRO A 78 13.03 7.92 10.44
CA PRO A 78 14.17 8.82 10.31
C PRO A 78 14.28 9.29 8.85
N PRO A 79 14.77 10.53 8.61
CA PRO A 79 14.80 11.04 7.22
C PRO A 79 15.54 10.20 6.21
N GLU A 80 16.62 9.53 6.65
CA GLU A 80 17.37 8.67 5.72
C GLU A 80 16.53 7.48 5.23
N VAL A 81 15.53 7.06 6.03
CA VAL A 81 14.71 5.92 5.68
C VAL A 81 13.73 6.28 4.56
N VAL A 82 13.51 7.57 4.28
CA VAL A 82 12.67 7.92 3.14
C VAL A 82 13.36 7.41 1.84
N ASN A 83 14.71 7.34 1.87
CA ASN A 83 15.49 6.79 0.76
C ASN A 83 15.74 5.28 0.95
N ASN A 84 14.86 4.56 1.65
CA ASN A 84 15.06 3.16 1.97
C ASN A 84 15.49 2.31 0.78
N MET A 85 14.74 2.35 -0.32
CA MET A 85 15.11 1.52 -1.47
C MET A 85 16.43 1.88 -2.08
N GLY A 86 16.76 3.15 -2.14
CA GLY A 86 18.06 3.63 -2.58
C GLY A 86 19.16 3.10 -1.69
N ASN A 87 18.93 3.10 -0.35
CA ASN A 87 19.93 2.59 0.60
C ASN A 87 20.14 1.09 0.39
N ILE A 88 19.05 0.35 0.18
CA ILE A 88 19.12 -1.09 -0.07
C ILE A 88 19.90 -1.37 -1.36
N ALA A 89 19.60 -0.59 -2.42
CA ALA A 89 20.29 -0.75 -3.70
C ALA A 89 21.78 -0.43 -3.57
N ASP A 90 22.12 0.64 -2.83
CA ASP A 90 23.51 1.06 -2.63
C ASP A 90 24.31 0.01 -1.84
N ALA A 91 23.62 -0.72 -0.96
CA ALA A 91 24.23 -1.77 -0.15
C ALA A 91 24.40 -3.07 -0.96
N GLY A 92 23.92 -3.10 -2.21
CA GLY A 92 23.98 -4.28 -3.07
C GLY A 92 22.98 -5.35 -2.66
N LEU A 93 21.86 -4.95 -2.02
CA LEU A 93 20.89 -5.89 -1.48
C LEU A 93 19.60 -5.98 -2.24
N ARG A 94 19.41 -5.16 -3.30
CA ARG A 94 18.13 -5.16 -4.01
C ARG A 94 17.70 -6.52 -4.55
N LYS A 95 18.62 -7.24 -5.23
CA LYS A 95 18.27 -8.53 -5.81
C LYS A 95 17.87 -9.54 -4.74
N ALA A 96 18.62 -9.57 -3.63
CA ALA A 96 18.33 -10.50 -2.55
C ALA A 96 16.99 -10.19 -1.89
N VAL A 97 16.71 -8.91 -1.67
CA VAL A 97 15.45 -8.55 -1.05
C VAL A 97 14.28 -8.93 -1.98
N MET A 98 14.41 -8.66 -3.30
CA MET A 98 13.38 -9.04 -4.26
C MET A 98 13.10 -10.47 -4.30
N LYS A 99 14.16 -11.28 -4.35
CA LYS A 99 14.02 -12.72 -4.41
C LYS A 99 13.32 -13.24 -3.17
N ALA A 100 13.60 -12.65 -2.00
CA ALA A 100 13.00 -13.12 -0.78
C ALA A 100 11.50 -12.81 -0.68
N ILE A 101 11.02 -11.80 -1.40
CA ILE A 101 9.62 -11.42 -1.27
C ILE A 101 8.75 -11.85 -2.45
N THR A 102 9.25 -12.78 -3.29
CA THR A 102 8.48 -13.32 -4.40
C THR A 102 7.41 -14.30 -3.88
N PRO A 103 6.21 -14.28 -4.46
CA PRO A 103 5.21 -15.26 -4.02
C PRO A 103 5.46 -16.69 -4.51
N LYS A 104 6.40 -16.86 -5.44
CA LYS A 104 6.77 -18.14 -6.04
C LYS A 104 7.65 -19.06 -5.16
N ALA A 105 8.01 -18.63 -3.94
CA ALA A 105 8.81 -19.45 -3.02
C ALA A 105 8.09 -20.80 -2.69
N PRO A 106 8.81 -21.96 -2.65
CA PRO A 106 8.12 -23.24 -2.38
C PRO A 106 7.25 -23.21 -1.12
N GLY A 107 6.01 -23.66 -1.27
CA GLY A 107 5.03 -23.76 -0.19
C GLY A 107 4.38 -22.46 0.25
N LEU A 108 4.79 -21.30 -0.31
CA LEU A 108 4.24 -20.01 0.11
C LEU A 108 2.77 -19.81 -0.26
N GLU A 109 2.42 -20.12 -1.51
CA GLU A 109 1.03 -20.00 -1.97
C GLU A 109 0.14 -20.98 -1.17
N GLN A 110 0.65 -22.21 -0.90
CA GLN A 110 -0.09 -23.17 -0.09
C GLN A 110 -0.29 -22.64 1.34
N PHE A 111 0.74 -22.01 1.89
CA PHE A 111 0.64 -21.39 3.23
C PHE A 111 -0.44 -20.29 3.22
N LEU A 112 -0.48 -19.45 2.15
CA LEU A 112 -1.49 -18.39 2.04
C LEU A 112 -2.89 -19.01 2.00
N ARG A 113 -3.07 -20.07 1.20
CA ARG A 113 -4.36 -20.76 1.08
C ARG A 113 -4.78 -21.35 2.41
N ASP A 114 -3.86 -22.09 3.06
CA ASP A 114 -4.17 -22.72 4.34
C ASP A 114 -4.53 -21.70 5.40
N THR A 115 -3.79 -20.58 5.43
CA THR A 115 -4.04 -19.56 6.42
C THR A 115 -5.41 -18.89 6.16
N ALA A 116 -5.69 -18.55 4.89
CA ALA A 116 -6.96 -17.91 4.55
C ALA A 116 -8.11 -18.86 4.91
N ASN A 117 -7.96 -20.15 4.55
CA ASN A 117 -9.01 -21.12 4.86
C ASN A 117 -9.23 -21.29 6.34
N SER A 118 -8.16 -21.31 7.15
CA SER A 118 -8.29 -21.45 8.60
C SER A 118 -9.01 -20.22 9.19
N LEU A 119 -8.63 -19.02 8.75
CA LEU A 119 -9.25 -17.79 9.24
C LEU A 119 -10.75 -17.78 8.92
N LEU A 120 -11.10 -18.20 7.70
CA LEU A 120 -12.50 -18.24 7.26
C LEU A 120 -13.27 -19.32 8.00
N ASP A 121 -12.64 -20.50 8.23
CA ASP A 121 -13.35 -21.54 8.98
C ASP A 121 -13.66 -21.04 10.39
N ASN A 122 -12.74 -20.28 11.01
CA ASN A 122 -12.96 -19.76 12.35
C ASN A 122 -14.12 -18.77 12.37
N LEU A 123 -14.22 -17.94 11.33
CA LEU A 123 -15.35 -17.00 11.24
C LEU A 123 -16.66 -17.73 11.07
N ILE A 124 -16.67 -18.78 10.25
CA ILE A 124 -17.89 -19.55 10.02
C ILE A 124 -18.34 -20.22 11.30
N THR A 125 -17.39 -20.77 12.07
CA THR A 125 -17.69 -21.42 13.35
C THR A 125 -18.29 -20.41 14.33
N GLU A 126 -17.72 -19.20 14.39
CA GLU A 126 -18.16 -18.16 15.31
C GLU A 126 -19.57 -17.62 14.94
N GLY A 127 -19.91 -17.65 13.65
CA GLY A 127 -21.20 -17.18 13.17
C GLY A 127 -21.19 -15.71 12.81
N ALA A 128 -22.05 -15.35 11.87
CA ALA A 128 -22.17 -13.96 11.44
C ALA A 128 -22.71 -13.05 12.56
N PRO A 129 -22.34 -11.77 12.58
CA PRO A 129 -21.44 -11.07 11.65
C PRO A 129 -19.97 -11.36 11.92
N ALA A 130 -19.17 -11.26 10.86
CA ALA A 130 -17.71 -11.41 10.93
C ALA A 130 -17.08 -10.10 10.46
N ASP A 131 -15.92 -9.75 11.02
CA ASP A 131 -15.21 -8.55 10.61
C ASP A 131 -14.10 -8.97 9.64
N LEU A 132 -14.28 -8.74 8.35
CA LEU A 132 -13.31 -9.15 7.35
C LEU A 132 -12.00 -8.38 7.38
N ARG A 133 -11.92 -7.23 8.07
CA ARG A 133 -10.63 -6.57 8.17
CA ARG A 133 -10.64 -6.57 8.17
C ARG A 133 -9.85 -7.17 9.33
N ASN A 134 -10.38 -7.02 10.54
CA ASN A 134 -9.65 -7.43 11.71
C ASN A 134 -9.47 -8.89 11.89
N ASP A 135 -10.40 -9.69 11.33
CA ASP A 135 -10.38 -11.13 11.51
C ASP A 135 -10.14 -11.93 10.25
N PHE A 136 -9.78 -11.26 9.16
CA PHE A 136 -9.45 -11.94 7.91
C PHE A 136 -8.31 -11.26 7.19
N ALA A 137 -8.54 -10.10 6.57
CA ALA A 137 -7.54 -9.49 5.71
C ALA A 137 -6.25 -9.13 6.42
N ASP A 138 -6.36 -8.48 7.58
CA ASP A 138 -5.15 -8.05 8.30
C ASP A 138 -4.39 -9.24 8.92
N PRO A 139 -5.06 -10.22 9.57
CA PRO A 139 -4.29 -11.39 10.04
C PRO A 139 -3.68 -12.17 8.85
N LEU A 140 -4.35 -12.22 7.70
CA LEU A 140 -3.77 -12.92 6.55
C LEU A 140 -2.50 -12.19 6.10
N ALA A 141 -2.55 -10.86 6.01
CA ALA A 141 -1.38 -10.06 5.67
C ALA A 141 -0.25 -10.26 6.70
N THR A 142 -0.61 -10.25 7.98
CA THR A 142 0.40 -10.39 9.04
C THR A 142 1.07 -11.76 8.97
N ALA A 143 0.27 -12.81 8.85
CA ALA A 143 0.80 -14.17 8.77
C ALA A 143 1.70 -14.32 7.56
N LEU A 144 1.26 -13.78 6.42
CA LEU A 144 2.09 -13.84 5.21
C LEU A 144 3.44 -13.19 5.43
N HIS A 145 3.46 -11.99 6.01
CA HIS A 145 4.71 -11.29 6.18
C HIS A 145 5.62 -11.91 7.24
N CYS A 146 5.07 -12.54 8.28
CA CYS A 146 5.94 -13.26 9.19
C CYS A 146 6.59 -14.42 8.43
N LYS A 147 5.83 -15.11 7.60
CA LYS A 147 6.38 -16.22 6.83
C LYS A 147 7.44 -15.75 5.84
N VAL A 148 7.15 -14.69 5.10
CA VAL A 148 8.09 -14.14 4.14
C VAL A 148 9.35 -13.65 4.84
N LEU A 149 9.22 -13.02 6.00
CA LEU A 149 10.40 -12.56 6.75
C LEU A 149 11.15 -13.68 7.45
N GLY A 150 10.52 -14.83 7.69
CA GLY A 150 11.17 -15.89 8.44
C GLY A 150 11.11 -15.68 9.96
N ILE A 151 10.16 -14.88 10.45
CA ILE A 151 10.06 -14.60 11.87
C ILE A 151 8.89 -15.36 12.47
N PRO A 152 8.88 -15.57 13.80
CA PRO A 152 7.79 -16.33 14.41
C PRO A 152 6.43 -15.70 14.18
N GLN A 153 5.44 -16.53 13.85
CA GLN A 153 4.07 -16.08 13.69
C GLN A 153 3.55 -15.36 14.94
N GLU A 154 3.96 -15.82 16.13
CA GLU A 154 3.53 -15.23 17.39
C GLU A 154 4.02 -13.79 17.59
N ASP A 155 5.03 -13.34 16.82
CA ASP A 155 5.56 -11.99 16.91
C ASP A 155 4.80 -11.03 16.01
N GLY A 156 4.02 -11.56 15.07
CA GLY A 156 3.27 -10.73 14.14
C GLY A 156 2.33 -9.72 14.77
N PRO A 157 1.44 -10.14 15.72
CA PRO A 157 0.45 -9.18 16.26
C PRO A 157 1.04 -7.91 16.87
N LYS A 158 2.12 -8.03 17.64
CA LYS A 158 2.72 -6.83 18.27
C LYS A 158 3.33 -5.92 17.21
N LEU A 159 4.02 -6.50 16.18
CA LEU A 159 4.58 -5.70 15.10
C LEU A 159 3.45 -5.02 14.38
N PHE A 160 2.35 -5.74 14.17
CA PHE A 160 1.19 -5.18 13.49
C PHE A 160 0.61 -3.98 14.24
N ARG A 161 0.59 -4.04 15.55
CA ARG A 161 0.01 -2.95 16.33
C ARG A 161 0.78 -1.64 16.23
N SER A 162 2.02 -1.63 15.70
CA SER A 162 2.67 -0.35 15.46
C SER A 162 2.03 0.39 14.29
N LEU A 163 1.32 -0.34 13.41
CA LEU A 163 0.96 0.22 12.11
C LEU A 163 -0.09 1.30 12.08
N SER A 164 -1.01 1.28 13.04
CA SER A 164 -2.06 2.30 13.08
C SER A 164 -1.47 3.68 13.37
N ILE A 165 -0.24 3.72 13.88
CA ILE A 165 0.49 4.95 14.13
C ILE A 165 1.58 5.18 13.07
N ALA A 166 2.32 4.11 12.72
CA ALA A 166 3.44 4.25 11.79
C ALA A 166 3.00 4.79 10.45
N PHE A 167 1.79 4.41 10.00
CA PHE A 167 1.28 4.85 8.73
C PHE A 167 0.30 6.02 8.83
N MET A 168 0.32 6.74 9.95
CA MET A 168 -0.45 7.97 10.03
C MET A 168 0.06 8.99 9.03
N SER A 169 -0.85 9.85 8.59
CA SER A 169 -0.56 10.97 7.71
C SER A 169 -0.91 12.22 8.51
N SER A 170 0.05 12.69 9.32
CA SER A 170 -0.11 13.69 10.37
C SER A 170 0.49 15.02 9.98
N ALA A 171 -0.08 16.12 10.48
CA ALA A 171 0.53 17.42 10.24
C ALA A 171 1.81 17.56 11.04
N ASP A 172 1.94 16.85 12.16
CA ASP A 172 3.02 17.02 13.11
C ASP A 172 3.67 15.72 13.46
N PRO A 173 4.92 15.77 13.93
CA PRO A 173 5.61 14.54 14.38
C PRO A 173 4.79 13.81 15.44
N ILE A 174 4.95 12.49 15.46
CA ILE A 174 4.16 11.62 16.29
C ILE A 174 5.04 10.93 17.31
N PRO A 175 4.96 11.29 18.60
CA PRO A 175 5.86 10.68 19.59
C PRO A 175 5.77 9.14 19.63
N ALA A 176 4.57 8.58 19.55
CA ALA A 176 4.44 7.12 19.56
C ALA A 176 5.13 6.47 18.37
N ALA A 177 5.20 7.14 17.23
CA ALA A 177 5.85 6.52 16.08
C ALA A 177 7.32 6.26 16.39
N LYS A 178 8.00 7.15 17.08
CA LYS A 178 9.40 6.92 17.41
C LYS A 178 9.54 5.82 18.46
N ILE A 179 8.67 5.77 19.45
CA ILE A 179 8.73 4.73 20.45
C ILE A 179 8.63 3.36 19.77
N ASN A 180 7.63 3.22 18.90
CA ASN A 180 7.43 1.94 18.23
C ASN A 180 8.55 1.64 17.26
N TRP A 181 9.00 2.65 16.51
CA TRP A 181 10.08 2.45 15.53
C TRP A 181 11.32 1.91 16.23
N ASP A 182 11.73 2.57 17.32
CA ASP A 182 12.95 2.15 17.97
C ASP A 182 12.81 0.75 18.56
N ARG A 183 11.65 0.44 19.10
CA ARG A 183 11.41 -0.89 19.65
C ARG A 183 11.39 -1.97 18.55
N ASP A 184 10.78 -1.67 17.41
CA ASP A 184 10.70 -2.62 16.31
C ASP A 184 12.06 -2.83 15.68
N ILE A 185 12.86 -1.77 15.60
CA ILE A 185 14.23 -1.90 15.13
C ILE A 185 15.01 -2.78 16.07
N GLU A 186 14.85 -2.61 17.39
CA GLU A 186 15.56 -3.46 18.34
C GLU A 186 15.15 -4.91 18.14
N TYR A 187 13.86 -5.18 17.91
CA TYR A 187 13.40 -6.52 17.65
C TYR A 187 14.10 -7.10 16.42
N MET A 188 14.15 -6.34 15.30
CA MET A 188 14.78 -6.85 14.09
C MET A 188 16.28 -7.03 14.26
N ALA A 189 16.93 -6.16 15.04
CA ALA A 189 18.35 -6.32 15.32
C ALA A 189 18.57 -7.65 16.09
N GLY A 190 17.66 -7.97 17.00
CA GLY A 190 17.72 -9.24 17.75
C GLY A 190 17.50 -10.43 16.83
N ILE A 191 16.62 -10.30 15.85
CA ILE A 191 16.37 -11.36 14.87
C ILE A 191 17.63 -11.65 14.08
N LEU A 192 18.39 -10.64 13.70
CA LEU A 192 19.62 -10.85 12.95
C LEU A 192 20.63 -11.64 13.74
N GLU A 193 20.60 -11.52 15.07
CA GLU A 193 21.50 -12.24 15.98
C GLU A 193 20.91 -13.55 16.51
N ASN A 194 19.68 -13.87 16.16
CA ASN A 194 18.99 -15.04 16.66
C ASN A 194 19.40 -16.21 15.79
N PRO A 195 20.04 -17.23 16.39
CA PRO A 195 20.52 -18.37 15.60
C PRO A 195 19.43 -19.19 14.93
N ASN A 196 18.18 -19.06 15.41
CA ASN A 196 17.03 -19.81 14.87
C ASN A 196 16.46 -19.19 13.60
N ILE A 197 16.87 -17.98 13.24
CA ILE A 197 16.28 -17.30 12.10
C ILE A 197 17.15 -17.53 10.89
N THR A 198 16.76 -18.55 10.12
CA THR A 198 17.55 -19.01 8.98
C THR A 198 16.74 -19.10 7.69
N THR A 199 15.48 -18.66 7.69
CA THR A 199 14.64 -18.70 6.50
C THR A 199 14.10 -17.31 6.20
N GLY A 200 13.53 -17.17 5.01
CA GLY A 200 12.90 -15.93 4.59
C GLY A 200 13.85 -14.76 4.45
N LEU A 201 13.28 -13.56 4.40
CA LEU A 201 14.05 -12.36 4.20
C LEU A 201 15.05 -12.16 5.34
N MET A 202 14.59 -12.31 6.58
CA MET A 202 15.51 -12.09 7.69
C MET A 202 16.58 -13.16 7.78
N GLY A 203 16.27 -14.39 7.41
CA GLY A 203 17.32 -15.40 7.39
C GLY A 203 18.38 -15.07 6.33
N GLU A 204 17.93 -14.55 5.17
CA GLU A 204 18.86 -14.16 4.10
C GLU A 204 19.68 -12.94 4.51
N LEU A 205 19.06 -11.93 5.09
CA LEU A 205 19.83 -10.79 5.56
C LEU A 205 20.82 -11.20 6.63
N SER A 206 20.41 -12.15 7.51
CA SER A 206 21.31 -12.60 8.57
C SER A 206 22.55 -13.24 8.01
N ARG A 207 22.40 -14.03 6.94
CA ARG A 207 23.57 -14.64 6.32
C ARG A 207 24.39 -13.64 5.55
N LEU A 208 23.74 -12.74 4.79
CA LEU A 208 24.53 -11.75 4.05
C LEU A 208 25.31 -10.84 5.01
N ARG A 209 24.75 -10.58 6.18
CA ARG A 209 25.41 -9.74 7.18
C ARG A 209 26.76 -10.32 7.59
N LYS A 210 26.94 -11.65 7.54
CA LYS A 210 28.19 -12.28 7.92
C LYS A 210 29.05 -12.62 6.73
N ASP A 211 28.60 -12.30 5.52
CA ASP A 211 29.34 -12.54 4.30
C ASP A 211 30.33 -11.39 4.10
N PRO A 212 31.58 -11.69 3.81
CA PRO A 212 32.57 -10.60 3.64
C PRO A 212 32.21 -9.55 2.60
N ALA A 213 31.44 -9.91 1.56
CA ALA A 213 31.03 -8.95 0.54
C ALA A 213 30.04 -7.89 1.07
N TYR A 214 29.53 -8.05 2.32
CA TYR A 214 28.58 -7.11 2.94
C TYR A 214 29.03 -6.67 4.33
N SER A 215 30.32 -6.81 4.64
CA SER A 215 30.81 -6.49 5.96
C SER A 215 30.70 -5.03 6.38
N HIS A 216 30.61 -4.13 5.42
CA HIS A 216 30.44 -2.73 5.79
C HIS A 216 29.03 -2.24 5.65
N VAL A 217 28.06 -3.11 5.32
CA VAL A 217 26.66 -2.69 5.30
C VAL A 217 26.30 -2.53 6.77
N SER A 218 25.61 -1.44 7.13
CA SER A 218 25.33 -1.23 8.54
C SER A 218 24.27 -2.14 9.10
N ASP A 219 24.42 -2.45 10.39
CA ASP A 219 23.41 -3.19 11.11
C ASP A 219 22.10 -2.40 11.14
N GLU A 220 22.20 -1.05 11.11
CA GLU A 220 21.02 -0.21 11.08
C GLU A 220 20.22 -0.51 9.82
N LEU A 221 20.89 -0.60 8.68
CA LEU A 221 20.15 -0.89 7.45
C LEU A 221 19.50 -2.27 7.48
N PHE A 222 20.26 -3.28 7.90
CA PHE A 222 19.68 -4.62 7.96
C PHE A 222 18.40 -4.65 8.82
N ALA A 223 18.43 -4.00 9.99
CA ALA A 223 17.24 -4.01 10.85
C ALA A 223 16.11 -3.21 10.20
N THR A 224 16.47 -2.08 9.57
CA THR A 224 15.49 -1.23 8.90
C THR A 224 14.78 -1.98 7.79
N ILE A 225 15.50 -2.80 7.02
CA ILE A 225 14.82 -3.56 5.96
C ILE A 225 13.70 -4.41 6.56
N GLY A 226 13.97 -5.08 7.66
CA GLY A 226 12.93 -5.91 8.28
C GLY A 226 11.73 -5.09 8.73
N VAL A 227 11.94 -4.00 9.44
CA VAL A 227 10.82 -3.19 9.92
C VAL A 227 10.03 -2.64 8.76
N THR A 228 10.73 -2.05 7.78
CA THR A 228 10.04 -1.41 6.66
C THR A 228 9.32 -2.36 5.76
N PHE A 229 9.91 -3.51 5.45
CA PHE A 229 9.21 -4.43 4.56
C PHE A 229 8.03 -5.08 5.28
N PHE A 230 8.17 -5.41 6.56
CA PHE A 230 7.00 -5.87 7.30
C PHE A 230 5.91 -4.81 7.25
N GLY A 231 6.23 -3.59 7.62
CA GLY A 231 5.22 -2.56 7.76
C GLY A 231 4.57 -2.19 6.44
N ALA A 232 5.39 -1.90 5.43
CA ALA A 232 4.83 -1.52 4.13
C ALA A 232 4.03 -2.67 3.53
N GLY A 233 4.55 -3.90 3.64
CA GLY A 233 3.81 -5.01 3.07
C GLY A 233 2.52 -5.29 3.79
N VAL A 234 2.54 -5.34 5.12
CA VAL A 234 1.34 -5.65 5.89
C VAL A 234 0.31 -4.55 5.71
N ILE A 235 0.71 -3.29 5.86
CA ILE A 235 -0.34 -2.26 5.72
C ILE A 235 -0.90 -2.24 4.31
N SER A 236 -0.06 -2.48 3.31
CA SER A 236 -0.54 -2.32 1.94
C SER A 236 -1.42 -3.46 1.52
N THR A 237 -1.01 -4.70 1.84
CA THR A 237 -1.81 -5.87 1.48
C THR A 237 -3.07 -5.98 2.30
N GLY A 238 -2.97 -5.74 3.60
CA GLY A 238 -4.16 -5.79 4.44
C GLY A 238 -5.19 -4.75 4.01
N SER A 239 -4.73 -3.55 3.75
CA SER A 239 -5.62 -2.47 3.36
C SER A 239 -6.19 -2.67 1.97
N PHE A 240 -5.37 -3.05 1.01
CA PHE A 240 -5.87 -3.29 -0.32
C PHE A 240 -6.88 -4.43 -0.30
N LEU A 241 -6.58 -5.55 0.34
CA LEU A 241 -7.54 -6.65 0.32
C LEU A 241 -8.85 -6.23 0.96
N THR A 242 -8.78 -5.51 2.07
CA THR A 242 -10.00 -5.07 2.73
C THR A 242 -10.87 -4.24 1.80
N THR A 243 -10.30 -3.22 1.19
CA THR A 243 -11.09 -2.35 0.34
C THR A 243 -11.47 -3.01 -0.97
N ALA A 244 -10.67 -3.96 -1.48
CA ALA A 244 -11.05 -4.72 -2.67
C ALA A 244 -12.28 -5.61 -2.33
N LEU A 245 -12.33 -6.16 -1.10
CA LEU A 245 -13.51 -6.95 -0.70
C LEU A 245 -14.75 -6.09 -0.72
N ILE A 246 -14.66 -4.82 -0.32
CA ILE A 246 -15.81 -3.94 -0.39
C ILE A 246 -16.20 -3.72 -1.85
N SER A 247 -15.21 -3.44 -2.71
CA SER A 247 -15.49 -3.23 -4.13
C SER A 247 -16.19 -4.44 -4.73
N LEU A 248 -15.79 -5.64 -4.32
CA LEU A 248 -16.37 -6.87 -4.81
C LEU A 248 -17.75 -7.11 -4.26
N ILE A 249 -17.96 -6.89 -2.95
CA ILE A 249 -19.25 -7.08 -2.31
C ILE A 249 -20.25 -6.12 -2.94
N GLN A 250 -19.86 -4.88 -3.28
CA GLN A 250 -20.74 -3.93 -3.96
C GLN A 250 -21.00 -4.21 -5.45
N ARG A 251 -20.42 -5.30 -5.96
CA ARG A 251 -20.57 -5.73 -7.34
C ARG A 251 -20.96 -7.20 -7.31
N PRO A 252 -22.21 -7.51 -6.92
CA PRO A 252 -22.61 -8.92 -6.80
C PRO A 252 -22.52 -9.71 -8.11
N GLN A 253 -22.77 -9.07 -9.26
CA GLN A 253 -22.67 -9.76 -10.55
C GLN A 253 -21.21 -10.20 -10.78
N LEU A 254 -20.23 -9.33 -10.49
CA LEU A 254 -18.82 -9.70 -10.61
C LEU A 254 -18.47 -10.78 -9.57
N ARG A 255 -18.95 -10.61 -8.33
CA ARG A 255 -18.67 -11.56 -7.25
C ARG A 255 -19.14 -12.95 -7.70
N ASN A 256 -20.36 -13.03 -8.29
CA ASN A 256 -20.91 -14.30 -8.76
CA ASN A 256 -20.88 -14.32 -8.74
C ASN A 256 -20.08 -14.88 -9.89
N LEU A 257 -19.63 -14.01 -10.82
CA LEU A 257 -18.82 -14.46 -11.94
C LEU A 257 -17.49 -15.04 -11.47
N LEU A 258 -16.82 -14.37 -10.51
CA LEU A 258 -15.55 -14.86 -9.99
C LEU A 258 -15.75 -16.14 -9.19
N HIS A 259 -16.88 -16.26 -8.48
CA HIS A 259 -17.17 -17.48 -7.75
C HIS A 259 -17.30 -18.64 -8.73
N GLU A 260 -18.03 -18.41 -9.83
CA GLU A 260 -18.31 -19.42 -10.87
C GLU A 260 -17.09 -19.77 -11.69
N LYS A 261 -16.23 -18.77 -11.96
CA LYS A 261 -15.07 -18.94 -12.82
C LYS A 261 -13.83 -18.38 -12.11
N PRO A 262 -13.30 -19.10 -11.09
CA PRO A 262 -12.16 -18.58 -10.33
C PRO A 262 -10.91 -18.33 -11.16
N GLU A 263 -10.83 -18.88 -12.39
CA GLU A 263 -9.70 -18.60 -13.28
C GLU A 263 -9.68 -17.12 -13.69
N LEU A 264 -10.80 -16.42 -13.52
CA LEU A 264 -10.89 -14.97 -13.82
C LEU A 264 -10.41 -14.12 -12.64
N ILE A 265 -10.08 -14.75 -11.50
CA ILE A 265 -9.66 -13.98 -10.32
C ILE A 265 -8.45 -13.09 -10.57
N PRO A 266 -7.39 -13.55 -11.25
CA PRO A 266 -6.26 -12.63 -11.50
C PRO A 266 -6.66 -11.39 -12.30
N ALA A 267 -7.51 -11.54 -13.35
CA ALA A 267 -7.95 -10.36 -14.11
C ALA A 267 -8.86 -9.49 -13.23
N GLY A 268 -9.67 -10.14 -12.38
CA GLY A 268 -10.49 -9.39 -11.42
C GLY A 268 -9.66 -8.60 -10.43
N VAL A 269 -8.59 -9.20 -9.90
CA VAL A 269 -7.70 -8.49 -8.96
C VAL A 269 -6.99 -7.34 -9.65
N GLU A 270 -6.63 -7.49 -10.93
CA GLU A 270 -5.99 -6.38 -11.60
C GLU A 270 -6.93 -5.18 -11.72
N GLU A 271 -8.21 -5.42 -11.98
CA GLU A 271 -9.19 -4.34 -12.03
C GLU A 271 -9.48 -3.78 -10.64
N LEU A 272 -9.52 -4.66 -9.62
CA LEU A 272 -9.69 -4.19 -8.25
C LEU A 272 -8.52 -3.32 -7.83
N LEU A 273 -7.33 -3.64 -8.28
CA LEU A 273 -6.16 -2.78 -8.07
C LEU A 273 -6.36 -1.45 -8.79
N ARG A 274 -6.77 -1.48 -10.05
CA ARG A 274 -6.94 -0.24 -10.79
C ARG A 274 -7.93 0.70 -10.11
N ILE A 275 -9.07 0.18 -9.62
CA ILE A 275 -10.06 1.08 -9.03
C ILE A 275 -9.84 1.31 -7.55
N ASN A 276 -8.75 0.84 -6.99
CA ASN A 276 -8.56 0.89 -5.55
C ASN A 276 -8.31 2.29 -5.06
N LEU A 277 -8.92 2.63 -3.91
CA LEU A 277 -8.73 3.93 -3.29
C LEU A 277 -7.92 3.82 -2.00
N SER A 278 -7.13 2.77 -1.87
CA SER A 278 -6.37 2.52 -0.66
C SER A 278 -5.37 3.60 -0.31
N PHE A 279 -4.67 4.19 -1.29
CA PHE A 279 -3.73 5.27 -0.95
C PHE A 279 -4.49 6.54 -0.66
N ALA A 280 -4.36 7.05 0.55
CA ALA A 280 -5.15 8.19 1.00
C ALA A 280 -4.65 9.52 0.48
N ASP A 281 -3.37 9.59 0.13
CA ASP A 281 -2.74 10.84 -0.33
C ASP A 281 -2.06 10.57 -1.67
N GLY A 282 -1.81 11.64 -2.42
CA GLY A 282 -0.96 11.50 -3.58
C GLY A 282 0.44 11.04 -3.19
N LEU A 283 1.15 10.42 -4.14
CA LEU A 283 2.55 10.05 -3.89
C LEU A 283 3.38 11.32 -3.95
N PRO A 284 4.20 11.60 -2.92
CA PRO A 284 4.92 12.88 -2.91
C PRO A 284 6.27 12.81 -3.61
N ARG A 285 6.63 13.92 -4.24
CA ARG A 285 7.94 14.09 -4.85
C ARG A 285 8.34 15.54 -4.68
N LEU A 286 9.64 15.81 -4.54
CA LEU A 286 10.13 17.19 -4.49
C LEU A 286 10.87 17.49 -5.78
N ALA A 287 10.54 18.58 -6.44
CA ALA A 287 11.25 18.96 -7.66
C ALA A 287 12.68 19.37 -7.33
N THR A 288 13.63 18.83 -8.10
CA THR A 288 15.05 19.17 -7.96
C THR A 288 15.53 20.09 -9.08
N ALA A 289 14.61 20.52 -9.95
CA ALA A 289 14.88 21.41 -11.07
C ALA A 289 13.55 22.08 -11.42
N ASP A 290 13.57 23.07 -12.33
CA ASP A 290 12.34 23.68 -12.81
C ASP A 290 11.87 22.82 -13.97
N ILE A 291 10.67 22.26 -13.87
CA ILE A 291 10.20 21.27 -14.83
C ILE A 291 8.78 21.58 -15.25
N GLN A 292 8.53 21.61 -16.57
CA GLN A 292 7.20 21.87 -17.10
C GLN A 292 6.36 20.61 -16.98
N VAL A 293 5.19 20.73 -16.36
CA VAL A 293 4.22 19.64 -16.20
C VAL A 293 2.90 20.23 -16.65
N GLY A 294 2.46 19.84 -17.84
CA GLY A 294 1.26 20.44 -18.38
C GLY A 294 1.42 21.95 -18.51
N ASP A 295 0.44 22.69 -18.02
CA ASP A 295 0.45 24.16 -18.09
C ASP A 295 1.26 24.82 -16.97
N VAL A 296 1.88 24.03 -16.06
CA VAL A 296 2.60 24.57 -14.91
C VAL A 296 4.09 24.35 -15.01
N LEU A 297 4.88 25.39 -14.73
CA LEU A 297 6.29 25.23 -14.58
C LEU A 297 6.51 25.00 -13.09
N VAL A 298 6.76 23.76 -12.70
CA VAL A 298 7.02 23.41 -11.31
C VAL A 298 8.43 23.90 -10.98
N ARG A 299 8.59 24.61 -9.89
CA ARG A 299 9.89 25.16 -9.52
C ARG A 299 10.65 24.23 -8.63
N LYS A 300 11.99 24.29 -8.71
CA LYS A 300 12.86 23.56 -7.82
C LYS A 300 12.42 23.81 -6.36
N GLY A 301 12.33 22.74 -5.59
CA GLY A 301 11.98 22.83 -4.19
C GLY A 301 10.50 22.71 -3.90
N GLU A 302 9.66 22.64 -4.94
CA GLU A 302 8.22 22.49 -4.73
C GLU A 302 7.81 21.03 -4.61
N LEU A 303 6.73 20.81 -3.88
CA LEU A 303 6.14 19.51 -3.68
C LEU A 303 5.09 19.20 -4.71
N VAL A 304 5.18 17.99 -5.25
CA VAL A 304 4.22 17.47 -6.22
C VAL A 304 3.59 16.20 -5.63
N LEU A 305 2.28 16.08 -5.81
CA LEU A 305 1.51 14.96 -5.31
C LEU A 305 0.86 14.25 -6.48
N VAL A 306 1.20 12.97 -6.66
CA VAL A 306 0.70 12.21 -7.77
C VAL A 306 -0.51 11.43 -7.31
N LEU A 307 -1.70 11.84 -7.77
CA LEU A 307 -2.93 11.24 -7.29
C LEU A 307 -3.24 9.97 -8.04
N LEU A 308 -3.05 8.82 -7.40
CA LEU A 308 -3.20 7.55 -8.12
C LEU A 308 -4.57 7.34 -8.71
N GLU A 309 -5.63 7.71 -7.98
CA GLU A 309 -6.97 7.54 -8.52
C GLU A 309 -7.26 8.55 -9.61
N GLY A 310 -6.51 9.65 -9.63
CA GLY A 310 -6.59 10.57 -10.75
C GLY A 310 -6.19 9.84 -12.02
N ALA A 311 -5.03 9.18 -12.00
CA ALA A 311 -4.57 8.42 -13.15
C ALA A 311 -5.48 7.23 -13.44
N ASN A 312 -5.82 6.46 -12.40
CA ASN A 312 -6.49 5.17 -12.59
C ASN A 312 -7.93 5.25 -13.00
N PHE A 313 -8.56 6.42 -12.76
CA PHE A 313 -9.93 6.66 -13.17
C PHE A 313 -9.96 7.64 -14.34
N ASP A 314 -8.84 7.85 -15.04
CA ASP A 314 -8.81 8.79 -16.15
C ASP A 314 -9.48 8.12 -17.38
N PRO A 315 -10.61 8.66 -17.87
CA PRO A 315 -11.32 8.00 -18.99
C PRO A 315 -10.55 8.04 -20.27
N GLU A 316 -9.56 8.92 -20.38
CA GLU A 316 -8.74 8.97 -21.58
C GLU A 316 -7.77 7.79 -21.66
N HIS A 317 -7.52 7.13 -20.53
CA HIS A 317 -6.65 5.95 -20.49
C HIS A 317 -7.47 4.68 -20.24
N PHE A 318 -8.50 4.76 -19.40
CA PHE A 318 -9.34 3.61 -19.02
C PHE A 318 -10.78 4.00 -19.29
N PRO A 319 -11.27 3.78 -20.51
CA PRO A 319 -12.68 4.13 -20.81
C PRO A 319 -13.66 3.43 -19.86
N ASN A 320 -14.73 4.15 -19.45
CA ASN A 320 -15.73 3.68 -18.46
C ASN A 320 -14.93 3.29 -17.20
N PRO A 321 -14.19 4.28 -16.65
CA PRO A 321 -13.22 3.97 -15.59
C PRO A 321 -13.76 3.42 -14.30
N GLY A 322 -15.01 3.74 -13.98
CA GLY A 322 -15.59 3.24 -12.74
C GLY A 322 -16.07 1.80 -12.81
N SER A 323 -16.02 1.19 -14.01
CA SER A 323 -16.49 -0.18 -14.20
C SER A 323 -15.34 -1.15 -14.25
N ILE A 324 -15.50 -2.30 -13.56
CA ILE A 324 -14.54 -3.39 -13.59
C ILE A 324 -14.85 -4.19 -14.85
N GLU A 325 -13.91 -4.19 -15.78
CA GLU A 325 -14.04 -4.86 -17.07
C GLU A 325 -12.84 -5.74 -17.18
N LEU A 326 -13.06 -7.06 -17.30
CA LEU A 326 -12.01 -8.05 -17.25
C LEU A 326 -11.28 -8.24 -18.56
N ASP A 327 -11.72 -7.54 -19.61
CA ASP A 327 -11.17 -7.68 -20.95
C ASP A 327 -10.61 -6.37 -21.47
N ARG A 328 -10.03 -5.55 -20.60
CA ARG A 328 -9.40 -4.33 -21.09
C ARG A 328 -8.13 -4.69 -21.89
N PRO A 329 -7.72 -3.82 -22.84
CA PRO A 329 -6.50 -4.08 -23.60
C PRO A 329 -5.22 -3.67 -22.85
N ASN A 330 -5.36 -2.88 -21.77
CA ASN A 330 -4.21 -2.32 -21.04
C ASN A 330 -4.37 -2.57 -19.53
N PRO A 331 -4.65 -3.83 -19.13
CA PRO A 331 -5.05 -4.09 -17.73
C PRO A 331 -4.05 -3.86 -16.66
N THR A 332 -2.77 -3.99 -16.95
CA THR A 332 -1.74 -3.81 -15.93
C THR A 332 -1.10 -2.44 -16.03
N SER A 333 -1.64 -1.56 -16.89
CA SER A 333 -1.06 -0.22 -17.04
C SER A 333 -1.51 0.78 -15.99
N HIS A 334 -2.27 0.33 -14.99
CA HIS A 334 -2.67 1.20 -13.89
C HIS A 334 -1.44 1.52 -13.02
N LEU A 335 -1.62 2.51 -12.15
CA LEU A 335 -0.57 2.98 -11.26
C LEU A 335 -0.74 2.52 -9.83
N ALA A 336 -1.48 1.44 -9.59
CA ALA A 336 -1.68 1.02 -8.19
C ALA A 336 -0.39 0.68 -7.47
N PHE A 337 0.66 0.25 -8.20
CA PHE A 337 1.97 -0.07 -7.62
C PHE A 337 2.99 1.01 -7.97
N GLY A 338 2.51 2.16 -8.41
CA GLY A 338 3.42 3.21 -8.82
C GLY A 338 3.98 2.98 -10.23
N ARG A 339 5.12 3.62 -10.52
CA ARG A 339 5.73 3.61 -11.83
C ARG A 339 7.11 4.20 -11.69
N GLY A 340 8.05 3.70 -12.47
CA GLY A 340 9.38 4.28 -12.48
C GLY A 340 10.30 3.76 -11.40
N GLN A 341 11.19 4.63 -10.97
CA GLN A 341 12.25 4.27 -10.03
C GLN A 341 11.71 3.62 -8.77
N HIS A 342 10.56 4.08 -8.26
CA HIS A 342 10.03 3.62 -6.98
C HIS A 342 8.91 2.61 -7.10
N PHE A 343 8.78 1.97 -8.27
CA PHE A 343 7.75 0.95 -8.48
C PHE A 343 7.80 -0.08 -7.35
N CYS A 344 6.64 -0.45 -6.83
CA CYS A 344 6.53 -1.34 -5.68
C CYS A 344 7.35 -2.61 -5.82
N PRO A 345 8.29 -2.89 -4.91
CA PRO A 345 9.06 -4.15 -4.99
C PRO A 345 8.24 -5.37 -4.56
N GLY A 346 7.10 -5.17 -3.92
CA GLY A 346 6.27 -6.28 -3.47
C GLY A 346 5.05 -6.53 -4.34
N SER A 347 5.04 -6.01 -5.60
CA SER A 347 3.85 -6.09 -6.42
C SER A 347 3.34 -7.50 -6.64
N ALA A 348 4.24 -8.44 -6.94
CA ALA A 348 3.80 -9.81 -7.18
C ALA A 348 3.22 -10.44 -5.93
N LEU A 349 3.83 -10.17 -4.79
CA LEU A 349 3.34 -10.71 -3.53
C LEU A 349 1.98 -10.11 -3.17
N GLY A 350 1.82 -8.81 -3.39
CA GLY A 350 0.54 -8.13 -3.14
C GLY A 350 -0.57 -8.69 -4.00
N ARG A 351 -0.28 -8.91 -5.30
CA ARG A 351 -1.27 -9.50 -6.20
C ARG A 351 -1.67 -10.88 -5.71
N ARG A 352 -0.67 -11.71 -5.33
CA ARG A 352 -0.96 -13.09 -4.91
C ARG A 352 -1.73 -13.14 -3.60
N HIS A 353 -1.41 -12.26 -2.65
CA HIS A 353 -2.14 -12.21 -1.40
C HIS A 353 -3.62 -11.94 -1.66
N ALA A 354 -3.93 -10.98 -2.54
CA ALA A 354 -5.32 -10.63 -2.83
C ALA A 354 -6.01 -11.72 -3.61
N GLN A 355 -5.33 -12.30 -4.59
CA GLN A 355 -5.93 -13.36 -5.38
C GLN A 355 -6.31 -14.54 -4.49
N ILE A 356 -5.38 -15.00 -3.64
CA ILE A 356 -5.67 -16.14 -2.78
C ILE A 356 -6.71 -15.81 -1.74
N GLY A 357 -6.64 -14.62 -1.15
CA GLY A 357 -7.64 -14.23 -0.17
C GLY A 357 -9.04 -14.23 -0.76
N ILE A 358 -9.18 -13.66 -1.96
CA ILE A 358 -10.49 -13.60 -2.64
C ILE A 358 -10.94 -14.99 -3.05
N GLU A 359 -10.04 -15.81 -3.61
CA GLU A 359 -10.40 -17.16 -4.02
C GLU A 359 -10.94 -17.95 -2.83
N ALA A 360 -10.26 -17.87 -1.68
CA ALA A 360 -10.68 -18.59 -0.49
C ALA A 360 -12.01 -18.06 0.02
N LEU A 361 -12.18 -16.73 0.07
CA LEU A 361 -13.42 -16.16 0.55
C LEU A 361 -14.61 -16.56 -0.30
N LEU A 362 -14.47 -16.50 -1.61
CA LEU A 362 -15.58 -16.85 -2.49
C LEU A 362 -15.95 -18.32 -2.44
N LYS A 363 -14.98 -19.19 -2.17
CA LYS A 363 -15.25 -20.61 -2.04
C LYS A 363 -16.00 -20.89 -0.71
N LYS A 364 -15.52 -20.30 0.40
CA LYS A 364 -16.03 -20.50 1.76
C LYS A 364 -17.33 -19.76 2.05
N MET A 365 -17.46 -18.54 1.50
CA MET A 365 -18.58 -17.63 1.75
C MET A 365 -19.12 -17.09 0.46
N PRO A 366 -19.67 -17.96 -0.42
CA PRO A 366 -20.19 -17.46 -1.68
C PRO A 366 -21.30 -16.43 -1.55
N GLY A 367 -22.02 -16.49 -0.43
CA GLY A 367 -23.08 -15.53 -0.14
C GLY A 367 -22.63 -14.31 0.64
N VAL A 368 -21.31 -14.01 0.67
CA VAL A 368 -20.80 -12.85 1.41
C VAL A 368 -21.49 -11.53 1.04
N ASP A 369 -21.85 -10.76 2.06
CA ASP A 369 -22.46 -9.47 1.85
C ASP A 369 -22.20 -8.62 3.06
N LEU A 370 -22.26 -7.29 2.88
CA LEU A 370 -22.16 -6.41 4.04
C LEU A 370 -23.30 -6.71 5.00
N ALA A 371 -23.01 -6.62 6.31
CA ALA A 371 -24.00 -6.84 7.36
C ALA A 371 -24.54 -5.54 7.90
N VAL A 372 -23.98 -4.42 7.41
CA VAL A 372 -24.43 -3.10 7.77
C VAL A 372 -24.59 -2.29 6.48
N PRO A 373 -25.44 -1.25 6.44
CA PRO A 373 -25.47 -0.37 5.26
C PRO A 373 -24.06 0.18 5.02
N ILE A 374 -23.66 0.31 3.76
CA ILE A 374 -22.30 0.72 3.44
C ILE A 374 -21.89 2.03 4.07
N ASP A 375 -22.83 2.96 4.19
CA ASP A 375 -22.47 4.22 4.82
C ASP A 375 -22.04 4.09 6.25
N GLN A 376 -22.39 2.99 6.92
CA GLN A 376 -22.03 2.78 8.32
C GLN A 376 -20.59 2.39 8.54
N LEU A 377 -19.83 2.09 7.47
CA LEU A 377 -18.41 1.82 7.66
C LEU A 377 -17.73 3.08 8.16
N VAL A 378 -16.76 2.91 9.05
CA VAL A 378 -16.06 4.03 9.69
C VAL A 378 -14.70 4.14 9.04
N TRP A 379 -14.45 5.21 8.31
CA TRP A 379 -13.24 5.35 7.52
C TRP A 379 -12.15 6.02 8.33
N ARG A 380 -11.02 5.35 8.46
CA ARG A 380 -9.90 5.89 9.23
C ARG A 380 -9.43 7.21 8.62
N THR A 381 -9.22 8.21 9.44
CA THR A 381 -8.78 9.53 9.01
C THR A 381 -7.32 9.75 9.29
N ARG A 382 -6.75 10.73 8.56
CA ARG A 382 -5.36 11.17 8.76
C ARG A 382 -4.41 10.00 8.78
N PHE A 383 -4.62 9.13 7.80
CA PHE A 383 -3.85 7.91 7.66
C PHE A 383 -3.36 7.81 6.22
N GLN A 384 -2.28 7.06 5.98
CA GLN A 384 -1.71 6.94 4.63
C GLN A 384 -2.52 5.97 3.77
N ARG A 385 -3.44 5.22 4.38
CA ARG A 385 -4.36 4.38 3.66
C ARG A 385 -5.77 4.76 4.02
N ARG A 386 -6.68 4.44 3.12
CA ARG A 386 -8.12 4.52 3.39
C ARG A 386 -8.60 3.13 3.71
N ILE A 387 -9.15 2.94 4.89
CA ILE A 387 -9.66 1.65 5.34
C ILE A 387 -10.79 1.83 6.30
N PRO A 388 -11.74 0.88 6.28
CA PRO A 388 -12.79 0.89 7.29
C PRO A 388 -12.23 0.33 8.59
N GLU A 389 -12.63 0.85 9.72
CA GLU A 389 -12.12 0.32 10.99
C GLU A 389 -12.55 -1.11 11.22
N ARG A 390 -13.79 -1.43 10.84
CA ARG A 390 -14.32 -2.79 10.88
C ARG A 390 -15.02 -3.03 9.56
N LEU A 391 -15.07 -4.28 9.10
CA LEU A 391 -15.79 -4.61 7.86
C LEU A 391 -16.78 -5.74 8.19
N PRO A 392 -17.96 -5.37 8.71
CA PRO A 392 -18.90 -6.42 9.17
C PRO A 392 -19.64 -7.06 8.00
N VAL A 393 -19.58 -8.37 7.91
CA VAL A 393 -20.22 -9.11 6.84
C VAL A 393 -21.06 -10.25 7.37
N LEU A 394 -21.95 -10.71 6.53
CA LEU A 394 -22.70 -11.92 6.78
C LEU A 394 -22.57 -12.77 5.51
N TRP A 395 -23.11 -14.01 5.54
CA TRP A 395 -22.98 -14.91 4.38
C TRP A 395 -24.08 -15.95 4.31
CHA HEM B . 6.23 1.22 -2.90
CHB HEM B . 1.60 0.04 -3.54
CHC HEM B . 2.46 -4.23 -1.44
CHD HEM B . 6.83 -2.71 -0.19
C1A HEM B . 4.91 1.21 -3.35
C2A HEM B . 4.32 2.26 -4.19
C3A HEM B . 3.01 1.97 -4.30
C4A HEM B . 2.79 0.72 -3.61
CMA HEM B . 1.94 2.77 -5.01
CAA HEM B . 5.08 3.43 -4.81
CBA HEM B . 5.28 4.59 -3.87
CGA HEM B . 5.90 5.79 -4.52
O1A HEM B . 6.34 5.74 -5.65
O2A HEM B . 5.95 6.88 -3.81
C1B HEM B . 1.39 -1.22 -2.91
C2B HEM B . 0.16 -1.93 -3.00
C3B HEM B . 0.41 -3.17 -2.44
C4B HEM B . 1.79 -3.15 -2.02
CMB HEM B . -1.12 -1.42 -3.61
CAB HEM B . -0.47 -4.32 -2.25
CBB HEM B . -1.59 -4.57 -2.84
C1C HEM B . 3.75 -4.23 -0.99
C2C HEM B . 4.42 -5.35 -0.37
C3C HEM B . 5.63 -4.89 0.08
C4C HEM B . 5.76 -3.53 -0.38
CMC HEM B . 3.85 -6.71 -0.18
CAC HEM B . 6.72 -5.65 0.76
CBC HEM B . 6.67 -6.86 1.29
C1D HEM B . 7.00 -1.45 -0.71
C2D HEM B . 8.19 -0.65 -0.54
C3D HEM B . 8.07 0.42 -1.41
C4D HEM B . 6.73 0.27 -2.00
CMD HEM B . 9.35 -0.98 0.36
CAD HEM B . 9.05 1.59 -1.60
CBD HEM B . 9.78 1.42 -2.95
CGD HEM B . 10.78 2.53 -3.42
O1D HEM B . 11.46 2.30 -4.39
O2D HEM B . 10.76 3.57 -2.69
NA HEM B . 3.99 0.25 -3.03
NB HEM B . 2.37 -1.96 -2.30
NC HEM B . 4.58 -3.14 -1.05
ND HEM B . 6.12 -0.85 -1.56
FE HEM B . 4.33 -1.51 -2.17
S SO4 C . 15.28 9.65 -6.05
S SO4 C . 14.94 9.43 -5.28
O1 SO4 C . 14.27 9.33 -4.97
O1 SO4 C . 14.72 9.09 -3.94
O2 SO4 C . 14.77 9.34 -7.36
O2 SO4 C . 13.70 9.56 -5.92
O3 SO4 C . 15.65 11.04 -6.02
O3 SO4 C . 15.67 10.68 -5.36
O4 SO4 C . 16.49 8.89 -5.84
O4 SO4 C . 15.70 8.37 -5.95
S SO4 D . 4.84 2.84 1.17
O1 SO4 D . 5.08 1.41 1.17
O2 SO4 D . 3.62 3.14 1.94
O3 SO4 D . 4.62 3.33 -0.24
O4 SO4 D . 5.98 3.54 1.75
OB 1G4 E . 10.51 1.79 2.03
CB 1G4 E . 10.11 2.84 2.42
CAB 1G4 E . 9.61 3.05 3.84
CBB 1G4 E . 8.10 2.58 4.04
CGB 1G4 E . 7.75 2.55 5.52
CD4 1G4 E . 7.28 3.72 6.20
CE4 1G4 E . 7.00 3.76 7.53
CZB 1G4 E . 7.18 2.57 8.33
OHB 1G4 E . 6.95 2.61 9.62
CE3 1G4 E . 7.61 1.35 7.69
CD3 1G4 E . 7.86 1.33 6.25
NB 1G4 E . 9.78 4.47 4.34
CA 1G4 E . 9.28 5.44 3.36
CAA 1G4 E . 9.64 5.25 1.78
NA 1G4 E . 10.13 3.83 1.54
CBA 1G4 E . 8.36 5.43 0.84
CGA 1G4 E . 7.52 6.63 1.18
CD2 1G4 E . 7.97 7.89 0.96
CE2 1G4 E . 7.18 9.08 1.27
CZA 1G4 E . 5.91 8.89 1.80
OHA 1G4 E . 5.24 10.07 2.04
CE1 1G4 E . 5.38 7.64 2.06
CD1 1G4 E . 6.21 6.53 1.74
C1 GOL F . -13.73 2.11 -5.22
O1 GOL F . -12.62 1.23 -5.19
C2 GOL F . -14.80 1.52 -6.13
O2 GOL F . -15.20 0.21 -5.64
C3 GOL F . -15.98 2.46 -6.19
O3 GOL F . -16.75 1.97 -7.30
C1 GOL G . 14.25 22.71 1.21
O1 GOL G . 14.93 23.26 2.33
C2 GOL G . 13.79 23.94 0.45
O2 GOL G . 15.00 24.65 0.05
C3 GOL G . 13.11 23.66 -0.87
O3 GOL G . 12.00 22.82 -0.64
C1 GOL H . 17.02 19.90 -4.92
O1 GOL H . 17.88 19.49 -3.85
C2 GOL H . 15.56 19.91 -4.52
O2 GOL H . 15.26 19.07 -3.41
C3 GOL H . 15.08 21.31 -4.27
O3 GOL H . 15.84 21.89 -3.23
C1 GOL I . 11.17 20.21 -18.15
O1 GOL I . 10.59 21.37 -18.60
C2 GOL I . 12.62 20.30 -18.52
O2 GOL I . 13.37 20.73 -17.36
C3 GOL I . 12.98 18.93 -19.09
O3 GOL I . 13.91 19.09 -20.15
C1 GOL J . 24.91 -15.53 11.09
O1 GOL J . 25.81 -16.61 10.70
C2 GOL J . 23.55 -16.01 11.52
O2 GOL J . 22.78 -14.88 12.02
C3 GOL J . 22.80 -16.57 10.32
O3 GOL J . 21.49 -16.98 10.73
C1 GOL K . -4.23 -1.79 14.67
O1 GOL K . -3.86 -2.27 15.89
C2 GOL K . -5.73 -1.74 14.67
O2 GOL K . -6.08 -0.68 15.50
C3 GOL K . -6.40 -1.53 13.45
O3 GOL K . -5.50 -1.37 12.51
#